data_8PWE
#
_entry.id   8PWE
#
_cell.length_a   65.800
_cell.length_b   65.800
_cell.length_c   263.387
_cell.angle_alpha   90.000
_cell.angle_beta   90.000
_cell.angle_gamma   120.000
#
_symmetry.space_group_name_H-M   'P 65 2 2'
#
loop_
_entity.id
_entity.type
_entity.pdbx_description
1 polymer 'Vitamin D3 receptor A'
2 polymer 'Nuclear receptor coactivator 2'
3 non-polymer 'ACETATE ION'
4 non-polymer (1~{R},3~{S},5~{Z})-4-methylidene-5-[(~{E})-3-[3-(6-methyl-6-oxidanyl-hept-3-ynyl)phenyl]pent-2-enylidene]cyclohexane-1,3-diol
5 water water
#
loop_
_entity_poly.entity_id
_entity_poly.type
_entity_poly.pdbx_seq_one_letter_code
_entity_poly.pdbx_strand_id
1 'polypeptide(L)'
;GSHMLSDEQMQIINSLVEAHHKTYDDSYSDFVRFRPPVREGPVTRSASRAASLHSLSDASSDSFNHSPESVDTKLNFSNL
LMMYQDSGSPDSSEEDQQSRLSMLPHLADLVSYSIQKVIGFAKMIPGFRDLTAEDQIALLKSSAIEIIMLRSNQSFSLED
MSWSCGGPDFKYCINDVTKAGHTLELLEPLVKFQVGLKKLKLHEEEHVLLMAICLLSPDRPGVQDHVRIEALQDRLCDVL
QAYIRIQHPGGRLLYAKMIQKLADLRSLNEEHSKQYRSLSFQPEHSMQLTPLVLEVFGSEVS
;
A
2 'polypeptide(L)' KHKILHRLLQDSS B
#
# COMPACT_ATOMS: atom_id res chain seq x y z
N HIS A 3 28.07 15.03 -0.07
CA HIS A 3 28.12 13.57 -0.01
C HIS A 3 27.56 12.90 -1.28
N MET A 4 27.42 11.57 -1.23
CA MET A 4 27.20 10.77 -2.42
C MET A 4 26.58 9.43 -2.04
N LEU A 5 25.74 8.90 -2.93
CA LEU A 5 25.15 7.57 -2.74
C LEU A 5 26.14 6.50 -3.16
N SER A 6 26.15 5.38 -2.43
CA SER A 6 27.06 4.30 -2.73
C SER A 6 26.51 3.43 -3.86
N ASP A 7 27.34 2.47 -4.30
CA ASP A 7 26.93 1.57 -5.37
C ASP A 7 25.78 0.68 -4.93
N GLU A 8 25.88 0.07 -3.74
CA GLU A 8 24.82 -0.81 -3.27
C GLU A 8 23.52 -0.04 -3.02
N GLN A 9 23.63 1.20 -2.53
CA GLN A 9 22.45 2.03 -2.38
C GLN A 9 21.80 2.30 -3.73
N MET A 10 22.62 2.59 -4.74
CA MET A 10 22.12 2.81 -6.09
C MET A 10 21.37 1.59 -6.60
N GLN A 11 21.95 0.40 -6.41
CA GLN A 11 21.32 -0.84 -6.88
C GLN A 11 19.98 -1.08 -6.19
N ILE A 12 19.89 -0.75 -4.90
CA ILE A 12 18.63 -0.90 -4.17
C ILE A 12 17.56 -0.01 -4.78
N ILE A 13 17.89 1.26 -5.03
CA ILE A 13 16.95 2.19 -5.63
C ILE A 13 16.49 1.68 -6.99
N ASN A 14 17.46 1.29 -7.83
CA ASN A 14 17.11 0.76 -9.15
C ASN A 14 16.17 -0.43 -9.02
N SER A 15 16.43 -1.34 -8.09
N SER A 15 16.44 -1.35 -8.09
CA SER A 15 15.60 -2.54 -7.98
CA SER A 15 15.59 -2.54 -7.99
C SER A 15 14.18 -2.19 -7.53
C SER A 15 14.17 -2.17 -7.55
N LEU A 16 14.04 -1.23 -6.62
CA LEU A 16 12.72 -0.85 -6.14
C LEU A 16 11.93 -0.10 -7.19
N VAL A 17 12.60 0.77 -7.96
CA VAL A 17 11.90 1.49 -9.02
C VAL A 17 11.41 0.51 -10.09
N GLU A 18 12.27 -0.42 -10.51
CA GLU A 18 11.85 -1.41 -11.49
C GLU A 18 10.71 -2.28 -10.95
N ALA A 19 10.78 -2.62 -9.67
CA ALA A 19 9.73 -3.43 -9.06
C ALA A 19 8.39 -2.70 -9.11
N HIS A 20 8.39 -1.40 -8.81
CA HIS A 20 7.15 -0.63 -8.86
C HIS A 20 6.64 -0.49 -10.28
N HIS A 21 7.54 -0.21 -11.24
CA HIS A 21 7.10 -0.07 -12.62
C HIS A 21 6.48 -1.35 -13.15
N LYS A 22 6.98 -2.51 -12.70
CA LYS A 22 6.43 -3.80 -13.11
C LYS A 22 5.09 -4.10 -12.47
N THR A 23 4.73 -3.45 -11.36
CA THR A 23 3.52 -3.80 -10.62
C THR A 23 2.51 -2.68 -10.52
N TYR A 24 2.77 -1.54 -11.15
CA TYR A 24 1.80 -0.45 -11.17
C TYR A 24 1.64 -0.03 -12.61
N ASP A 25 0.45 -0.23 -13.16
CA ASP A 25 0.15 0.01 -14.57
C ASP A 25 -0.64 1.31 -14.66
N ASP A 26 0.04 2.39 -15.05
CA ASP A 26 -0.58 3.71 -15.22
C ASP A 26 -1.69 3.76 -16.26
N SER A 27 -1.86 2.72 -17.09
CA SER A 27 -2.97 2.73 -18.05
C SER A 27 -4.30 2.32 -17.41
N TYR A 28 -4.24 1.60 -16.29
CA TYR A 28 -5.42 1.15 -15.57
C TYR A 28 -6.37 0.34 -16.45
N SER A 29 -5.86 -0.25 -17.54
CA SER A 29 -6.74 -0.97 -18.46
C SER A 29 -7.26 -2.26 -17.86
N ASP A 30 -6.58 -2.82 -16.84
CA ASP A 30 -7.12 -3.99 -16.17
C ASP A 30 -8.42 -3.71 -15.45
N PHE A 31 -8.72 -2.44 -15.12
CA PHE A 31 -9.89 -2.14 -14.29
C PHE A 31 -11.20 -2.52 -14.97
N VAL A 32 -11.22 -2.63 -16.30
CA VAL A 32 -12.45 -3.05 -16.95
C VAL A 32 -12.80 -4.49 -16.62
N ARG A 33 -11.86 -5.25 -16.03
CA ARG A 33 -12.11 -6.65 -15.69
C ARG A 33 -12.86 -6.79 -14.38
N PHE A 34 -12.90 -5.74 -13.56
CA PHE A 34 -13.55 -5.79 -12.27
C PHE A 34 -15.06 -5.78 -12.44
N ARG A 35 -15.76 -6.30 -11.43
CA ARG A 35 -17.20 -6.04 -11.36
C ARG A 35 -17.42 -4.52 -11.49
N PRO A 36 -18.40 -4.09 -12.28
CA PRO A 36 -18.46 -2.67 -12.62
C PRO A 36 -18.85 -1.82 -11.44
N PRO A 37 -18.45 -0.54 -11.42
CA PRO A 37 -18.89 0.37 -10.36
C PRO A 37 -20.36 0.67 -10.51
N VAL A 38 -21.03 0.87 -9.37
CA VAL A 38 -22.43 1.24 -9.33
C VAL A 38 -22.58 2.40 -8.37
N ARG A 39 -23.04 3.54 -8.87
CA ARG A 39 -23.17 4.75 -8.06
C ARG A 39 -24.58 5.32 -8.14
N ARG A 100 -27.37 -1.75 -1.46
CA ARG A 100 -27.11 -0.92 -0.29
C ARG A 100 -25.68 -0.41 -0.31
N LEU A 101 -24.73 -1.30 -0.58
CA LEU A 101 -23.33 -0.94 -0.74
C LEU A 101 -22.94 -1.18 -2.20
N SER A 102 -23.41 -0.28 -3.07
CA SER A 102 -23.35 -0.55 -4.50
C SER A 102 -21.93 -0.54 -5.07
N MET A 103 -20.98 0.12 -4.41
CA MET A 103 -19.61 0.12 -4.88
C MET A 103 -18.76 -1.00 -4.26
N LEU A 104 -19.30 -1.77 -3.31
CA LEU A 104 -18.49 -2.82 -2.69
C LEU A 104 -17.97 -3.84 -3.69
N PRO A 105 -18.78 -4.39 -4.62
CA PRO A 105 -18.19 -5.34 -5.59
C PRO A 105 -17.03 -4.76 -6.37
N HIS A 106 -17.18 -3.54 -6.91
CA HIS A 106 -16.08 -2.98 -7.69
C HIS A 106 -14.86 -2.69 -6.83
N LEU A 107 -15.05 -2.12 -5.64
CA LEU A 107 -13.88 -1.79 -4.85
C LEU A 107 -13.24 -3.02 -4.23
N ALA A 108 -14.02 -4.06 -3.91
CA ALA A 108 -13.44 -5.34 -3.50
C ALA A 108 -12.51 -5.89 -4.58
N ASP A 109 -12.96 -5.88 -5.83
CA ASP A 109 -12.11 -6.32 -6.94
C ASP A 109 -10.89 -5.43 -7.10
N LEU A 110 -11.06 -4.11 -6.97
CA LEU A 110 -9.90 -3.23 -7.10
C LEU A 110 -8.87 -3.52 -6.01
N VAL A 111 -9.33 -3.66 -4.77
CA VAL A 111 -8.41 -3.92 -3.68
C VAL A 111 -7.76 -5.29 -3.83
N SER A 112 -8.52 -6.30 -4.25
CA SER A 112 -7.96 -7.63 -4.47
C SER A 112 -6.86 -7.61 -5.52
N TYR A 113 -7.14 -6.96 -6.65
CA TYR A 113 -6.13 -6.74 -7.68
C TYR A 113 -4.90 -6.03 -7.09
N SER A 114 -5.11 -5.00 -6.29
CA SER A 114 -4.00 -4.23 -5.72
C SER A 114 -3.17 -5.06 -4.75
N ILE A 115 -3.79 -5.99 -4.01
CA ILE A 115 -3.05 -6.85 -3.11
C ILE A 115 -2.08 -7.74 -3.90
N GLN A 116 -2.55 -8.29 -5.02
CA GLN A 116 -1.67 -9.07 -5.89
C GLN A 116 -0.48 -8.25 -6.35
N LYS A 117 -0.72 -6.97 -6.66
CA LYS A 117 0.38 -6.11 -7.11
C LYS A 117 1.35 -5.82 -5.97
N VAL A 118 0.84 -5.65 -4.75
CA VAL A 118 1.72 -5.41 -3.60
C VAL A 118 2.55 -6.65 -3.30
N ILE A 119 1.95 -7.83 -3.45
CA ILE A 119 2.69 -9.09 -3.30
C ILE A 119 3.80 -9.17 -4.34
N GLY A 120 3.48 -8.83 -5.58
CA GLY A 120 4.50 -8.82 -6.61
C GLY A 120 5.60 -7.81 -6.31
N PHE A 121 5.23 -6.65 -5.79
CA PHE A 121 6.24 -5.65 -5.42
C PHE A 121 7.12 -6.15 -4.29
N ALA A 122 6.49 -6.70 -3.25
CA ALA A 122 7.22 -7.23 -2.10
C ALA A 122 8.26 -8.27 -2.53
N LYS A 123 7.87 -9.20 -3.41
CA LYS A 123 8.76 -10.26 -3.84
C LYS A 123 10.01 -9.73 -4.52
N MET A 124 10.00 -8.49 -4.96
CA MET A 124 11.17 -7.89 -5.58
C MET A 124 11.90 -6.92 -4.67
N ILE A 125 11.47 -6.75 -3.44
CA ILE A 125 12.29 -5.99 -2.50
C ILE A 125 13.51 -6.81 -2.13
N PRO A 126 14.72 -6.29 -2.25
CA PRO A 126 15.90 -7.07 -1.89
C PRO A 126 15.85 -7.60 -0.47
N GLY A 127 15.90 -8.92 -0.31
CA GLY A 127 15.91 -9.56 0.98
C GLY A 127 14.57 -10.11 1.43
N PHE A 128 13.47 -9.44 1.06
CA PHE A 128 12.15 -9.89 1.49
C PHE A 128 11.94 -11.35 1.11
N ARG A 129 12.39 -11.73 -0.09
CA ARG A 129 12.21 -13.10 -0.56
C ARG A 129 12.93 -14.10 0.33
N ASP A 130 14.09 -13.73 0.85
CA ASP A 130 14.88 -14.64 1.69
C ASP A 130 14.34 -14.76 3.11
N LEU A 131 13.31 -14.01 3.46
CA LEU A 131 12.64 -14.23 4.74
C LEU A 131 11.85 -15.53 4.70
N THR A 132 11.52 -16.04 5.89
CA THR A 132 10.69 -17.22 5.97
C THR A 132 9.30 -16.94 5.39
N ALA A 133 8.63 -18.00 4.95
CA ALA A 133 7.29 -17.84 4.41
C ALA A 133 6.35 -17.21 5.43
N GLU A 134 6.51 -17.59 6.70
CA GLU A 134 5.64 -17.05 7.76
C GLU A 134 5.84 -15.55 7.92
N ASP A 135 7.10 -15.10 7.93
CA ASP A 135 7.37 -13.67 8.05
C ASP A 135 6.88 -12.91 6.83
N GLN A 136 7.07 -13.46 5.63
CA GLN A 136 6.55 -12.81 4.43
C GLN A 136 5.05 -12.58 4.54
N ILE A 137 4.34 -13.57 5.05
CA ILE A 137 2.90 -13.46 5.20
C ILE A 137 2.55 -12.47 6.32
N ALA A 138 3.19 -12.62 7.48
CA ALA A 138 2.96 -11.69 8.59
C ALA A 138 3.13 -10.24 8.13
N LEU A 139 4.19 -9.96 7.38
CA LEU A 139 4.42 -8.59 6.93
C LEU A 139 3.33 -8.14 5.97
N LEU A 140 2.96 -8.98 5.01
CA LEU A 140 1.96 -8.58 4.03
C LEU A 140 0.58 -8.42 4.67
N LYS A 141 0.23 -9.29 5.63
CA LYS A 141 -1.09 -9.19 6.23
C LYS A 141 -1.24 -7.91 7.05
N SER A 142 -0.19 -7.50 7.76
CA SER A 142 -0.30 -6.28 8.53
C SER A 142 -0.16 -5.04 7.65
N SER A 143 0.67 -5.09 6.61
CA SER A 143 1.05 -3.88 5.91
C SER A 143 0.33 -3.67 4.57
N ALA A 144 -0.35 -4.69 4.03
CA ALA A 144 -0.90 -4.56 2.67
C ALA A 144 -1.82 -3.35 2.56
N ILE A 145 -2.68 -3.15 3.56
CA ILE A 145 -3.62 -2.04 3.51
C ILE A 145 -2.88 -0.71 3.46
N GLU A 146 -1.76 -0.60 4.20
CA GLU A 146 -0.97 0.64 4.19
C GLU A 146 -0.27 0.85 2.85
N ILE A 147 0.22 -0.23 2.22
CA ILE A 147 0.89 -0.07 0.93
C ILE A 147 -0.12 0.36 -0.12
N ILE A 148 -1.35 -0.16 -0.01
CA ILE A 148 -2.40 0.21 -0.96
C ILE A 148 -2.72 1.69 -0.81
N MET A 149 -2.81 2.18 0.43
CA MET A 149 -3.05 3.60 0.65
C MET A 149 -1.89 4.45 0.11
N LEU A 150 -0.65 4.00 0.36
CA LEU A 150 0.51 4.68 -0.19
C LEU A 150 0.50 4.66 -1.72
N ARG A 151 0.34 3.47 -2.32
CA ARG A 151 0.44 3.41 -3.78
C ARG A 151 -0.71 4.13 -4.47
N SER A 152 -1.87 4.26 -3.81
CA SER A 152 -2.99 4.98 -4.42
C SER A 152 -2.74 6.47 -4.54
N ASN A 153 -1.74 7.01 -3.83
CA ASN A 153 -1.44 8.42 -3.99
C ASN A 153 -1.10 8.75 -5.44
N GLN A 154 -0.61 7.77 -6.19
CA GLN A 154 -0.23 7.98 -7.59
C GLN A 154 -1.45 8.28 -8.47
N SER A 155 -2.66 7.82 -8.10
CA SER A 155 -3.85 8.21 -8.84
C SER A 155 -4.63 9.35 -8.19
N PHE A 156 -4.29 9.71 -6.95
CA PHE A 156 -4.98 10.78 -6.25
C PHE A 156 -4.73 12.12 -6.94
N SER A 157 -5.78 12.94 -7.02
CA SER A 157 -5.70 14.24 -7.65
C SER A 157 -6.06 15.31 -6.63
N LEU A 158 -5.14 16.27 -6.42
CA LEU A 158 -5.45 17.41 -5.56
C LEU A 158 -6.57 18.24 -6.14
N GLU A 159 -6.67 18.30 -7.47
CA GLU A 159 -7.69 19.13 -8.10
C GLU A 159 -9.09 18.57 -7.88
N ASP A 160 -9.22 17.24 -7.95
CA ASP A 160 -10.51 16.56 -7.82
C ASP A 160 -10.78 16.02 -6.43
N MET A 161 -9.78 16.01 -5.54
CA MET A 161 -9.89 15.33 -4.24
C MET A 161 -10.36 13.89 -4.41
N SER A 162 -9.87 13.23 -5.46
CA SER A 162 -10.35 11.89 -5.77
C SER A 162 -9.22 11.09 -6.40
N TRP A 163 -9.44 9.78 -6.48
CA TRP A 163 -8.52 8.88 -7.16
C TRP A 163 -9.02 8.70 -8.58
N SER A 164 -8.24 9.16 -9.55
CA SER A 164 -8.65 9.16 -10.96
C SER A 164 -7.85 8.11 -11.70
N CYS A 165 -8.50 7.02 -12.10
CA CYS A 165 -7.77 5.92 -12.69
C CYS A 165 -8.10 5.75 -14.17
N GLY A 166 -7.82 6.78 -14.96
CA GLY A 166 -7.94 6.72 -16.40
C GLY A 166 -9.36 6.58 -16.93
N GLY A 167 -10.22 7.54 -16.62
CA GLY A 167 -11.57 7.53 -17.12
C GLY A 167 -12.61 7.74 -16.03
N PRO A 168 -13.75 8.36 -16.38
CA PRO A 168 -14.75 8.70 -15.36
C PRO A 168 -15.36 7.48 -14.66
N ASP A 169 -15.48 6.33 -15.34
CA ASP A 169 -15.95 5.14 -14.64
C ASP A 169 -15.05 4.78 -13.46
N PHE A 170 -13.74 5.00 -13.61
CA PHE A 170 -12.77 4.65 -12.58
C PHE A 170 -12.21 5.88 -11.90
N LYS A 171 -13.04 6.91 -11.73
CA LYS A 171 -12.74 8.01 -10.82
C LYS A 171 -13.53 7.80 -9.53
N TYR A 172 -12.82 7.68 -8.42
CA TYR A 172 -13.43 7.35 -7.14
C TYR A 172 -13.37 8.56 -6.22
N CYS A 173 -14.54 9.11 -5.91
N CYS A 173 -14.53 9.13 -5.89
CA CYS A 173 -14.72 10.15 -4.90
CA CYS A 173 -14.55 10.17 -4.89
C CYS A 173 -14.82 9.54 -3.51
C CYS A 173 -14.89 9.56 -3.53
N ILE A 174 -14.88 10.41 -2.50
CA ILE A 174 -15.11 9.95 -1.13
C ILE A 174 -16.47 9.27 -1.04
N ASN A 175 -17.46 9.79 -1.76
CA ASN A 175 -18.79 9.21 -1.73
C ASN A 175 -18.80 7.79 -2.27
N ASP A 176 -18.01 7.53 -3.32
CA ASP A 176 -17.93 6.18 -3.86
C ASP A 176 -17.44 5.20 -2.81
N VAL A 177 -16.48 5.61 -1.98
CA VAL A 177 -15.93 4.71 -0.98
C VAL A 177 -16.91 4.50 0.18
N THR A 178 -17.73 5.50 0.50
CA THR A 178 -18.75 5.25 1.52
C THR A 178 -19.77 4.21 1.04
N LYS A 179 -20.01 4.12 -0.27
CA LYS A 179 -20.89 3.10 -0.81
C LYS A 179 -20.23 1.73 -0.94
N ALA A 180 -19.03 1.56 -0.35
CA ALA A 180 -18.43 0.26 -0.15
C ALA A 180 -18.38 -0.13 1.32
N GLY A 181 -19.06 0.61 2.19
CA GLY A 181 -19.15 0.26 3.59
C GLY A 181 -18.23 1.02 4.52
N HIS A 182 -17.61 2.10 4.08
CA HIS A 182 -16.73 2.85 4.96
C HIS A 182 -17.34 4.21 5.30
N THR A 183 -16.84 4.80 6.38
CA THR A 183 -17.41 6.02 6.92
C THR A 183 -16.35 7.12 6.89
N LEU A 184 -16.79 8.32 7.24
CA LEU A 184 -15.90 9.47 7.29
C LEU A 184 -14.84 9.34 8.38
N GLU A 185 -15.06 8.46 9.37
CA GLU A 185 -14.03 8.22 10.38
C GLU A 185 -12.74 7.71 9.76
N LEU A 186 -12.84 7.00 8.64
CA LEU A 186 -11.70 6.57 7.83
C LEU A 186 -11.42 7.53 6.69
N LEU A 187 -12.45 7.97 5.98
CA LEU A 187 -12.20 8.65 4.71
C LEU A 187 -11.73 10.09 4.92
N GLU A 188 -12.12 10.73 6.04
CA GLU A 188 -11.59 12.07 6.31
C GLU A 188 -10.09 12.04 6.58
N PRO A 189 -9.56 11.26 7.54
CA PRO A 189 -8.11 11.18 7.66
C PRO A 189 -7.42 10.62 6.41
N LEU A 190 -8.04 9.70 5.69
CA LEU A 190 -7.39 9.15 4.50
C LEU A 190 -7.19 10.22 3.43
N VAL A 191 -8.19 11.08 3.22
CA VAL A 191 -8.05 12.10 2.19
C VAL A 191 -7.04 13.16 2.62
N LYS A 192 -7.09 13.58 3.89
CA LYS A 192 -6.06 14.47 4.40
C LYS A 192 -4.67 13.85 4.28
N PHE A 193 -4.55 12.56 4.55
CA PHE A 193 -3.29 11.85 4.34
C PHE A 193 -2.85 11.96 2.88
N GLN A 194 -3.76 11.66 1.94
CA GLN A 194 -3.40 11.73 0.52
C GLN A 194 -3.01 13.14 0.11
N VAL A 195 -3.71 14.15 0.64
CA VAL A 195 -3.39 15.53 0.30
C VAL A 195 -1.98 15.89 0.79
N GLY A 196 -1.68 15.58 2.05
CA GLY A 196 -0.37 15.95 2.58
C GLY A 196 0.74 15.16 1.92
N LEU A 197 0.49 13.88 1.64
CA LEU A 197 1.49 13.10 0.92
C LEU A 197 1.71 13.64 -0.48
N LYS A 198 0.63 14.02 -1.16
CA LYS A 198 0.75 14.56 -2.52
C LYS A 198 1.51 15.87 -2.52
N LYS A 199 1.36 16.67 -1.45
CA LYS A 199 2.07 17.95 -1.36
C LYS A 199 3.56 17.77 -1.13
N LEU A 200 3.99 16.59 -0.68
CA LEU A 200 5.42 16.34 -0.51
C LEU A 200 6.14 16.24 -1.85
N LYS A 201 5.40 16.07 -2.96
CA LYS A 201 5.99 16.04 -4.29
C LYS A 201 7.14 15.03 -4.34
N LEU A 202 6.87 13.83 -3.83
CA LEU A 202 7.91 12.82 -3.71
C LEU A 202 8.47 12.43 -5.08
N HIS A 203 9.79 12.29 -5.15
CA HIS A 203 10.38 11.63 -6.31
C HIS A 203 9.95 10.17 -6.34
N GLU A 204 9.90 9.61 -7.55
CA GLU A 204 9.55 8.21 -7.69
C GLU A 204 10.44 7.32 -6.82
N GLU A 205 11.75 7.65 -6.77
CA GLU A 205 12.67 6.94 -5.88
C GLU A 205 12.20 6.99 -4.43
N GLU A 206 11.80 8.17 -3.95
CA GLU A 206 11.36 8.31 -2.56
C GLU A 206 10.06 7.56 -2.31
N HIS A 207 9.14 7.61 -3.29
CA HIS A 207 7.86 6.92 -3.17
C HIS A 207 8.06 5.41 -3.01
N VAL A 208 8.92 4.81 -3.83
CA VAL A 208 9.06 3.36 -3.73
C VAL A 208 9.86 2.97 -2.50
N LEU A 209 10.81 3.81 -2.06
CA LEU A 209 11.51 3.53 -0.81
C LEU A 209 10.53 3.54 0.36
N LEU A 210 9.60 4.49 0.36
CA LEU A 210 8.67 4.59 1.48
C LEU A 210 7.73 3.38 1.52
N MET A 211 7.31 2.89 0.35
CA MET A 211 6.50 1.67 0.32
C MET A 211 7.28 0.48 0.84
N ALA A 212 8.55 0.35 0.44
CA ALA A 212 9.37 -0.77 0.89
C ALA A 212 9.66 -0.66 2.38
N ILE A 213 9.95 0.56 2.87
CA ILE A 213 10.18 0.72 4.30
C ILE A 213 8.93 0.35 5.09
N CYS A 214 7.76 0.78 4.62
CA CYS A 214 6.50 0.42 5.28
C CYS A 214 6.31 -1.09 5.32
N LEU A 215 6.55 -1.76 4.18
CA LEU A 215 6.43 -3.21 4.11
C LEU A 215 7.39 -3.92 5.06
N LEU A 216 8.63 -3.43 5.20
CA LEU A 216 9.65 -4.09 5.99
C LEU A 216 9.71 -3.58 7.43
N SER A 217 8.60 -3.12 7.99
CA SER A 217 8.57 -2.76 9.40
C SER A 217 8.55 -4.03 10.24
N PRO A 218 9.51 -4.23 11.16
CA PRO A 218 9.47 -5.43 12.00
C PRO A 218 8.45 -5.37 13.13
N ASP A 219 7.91 -4.19 13.45
CA ASP A 219 6.98 -4.04 14.57
C ASP A 219 5.53 -4.30 14.12
N ARG A 220 5.31 -5.52 13.65
CA ARG A 220 3.97 -5.88 13.29
C ARG A 220 3.65 -7.23 13.91
N PRO A 221 2.38 -7.48 14.25
CA PRO A 221 2.04 -8.73 14.92
C PRO A 221 2.37 -9.92 14.03
N GLY A 222 2.83 -11.00 14.64
CA GLY A 222 3.15 -12.21 13.92
C GLY A 222 4.58 -12.33 13.45
N VAL A 223 5.38 -11.25 13.51
CA VAL A 223 6.74 -11.31 13.00
C VAL A 223 7.62 -12.11 13.95
N GLN A 224 8.46 -12.97 13.38
CA GLN A 224 9.38 -13.80 14.16
C GLN A 224 10.81 -13.27 14.10
N ASP A 225 11.40 -13.21 12.91
CA ASP A 225 12.80 -12.77 12.77
C ASP A 225 12.85 -11.24 12.82
N HIS A 226 12.60 -10.71 14.00
CA HIS A 226 12.59 -9.26 14.18
C HIS A 226 13.92 -8.64 13.78
N VAL A 227 15.04 -9.24 14.23
CA VAL A 227 16.35 -8.62 14.00
C VAL A 227 16.62 -8.51 12.49
N ARG A 228 16.32 -9.57 11.74
CA ARG A 228 16.64 -9.57 10.31
C ARG A 228 15.82 -8.53 9.55
N ILE A 229 14.53 -8.43 9.86
CA ILE A 229 13.68 -7.48 9.16
C ILE A 229 14.06 -6.06 9.51
N GLU A 230 14.38 -5.80 10.78
CA GLU A 230 14.79 -4.45 11.17
C GLU A 230 16.06 -4.04 10.43
N ALA A 231 17.01 -4.97 10.27
CA ALA A 231 18.23 -4.65 9.54
C ALA A 231 17.92 -4.32 8.08
N LEU A 232 16.99 -5.04 7.46
CA LEU A 232 16.59 -4.69 6.10
C LEU A 232 15.97 -3.32 6.05
N GLN A 233 15.06 -3.02 6.98
CA GLN A 233 14.42 -1.72 6.97
C GLN A 233 15.43 -0.62 7.27
N ASP A 234 16.38 -0.89 8.16
CA ASP A 234 17.43 0.08 8.46
C ASP A 234 18.22 0.45 7.21
N ARG A 235 18.50 -0.54 6.35
CA ARG A 235 19.28 -0.23 5.15
C ARG A 235 18.49 0.69 4.23
N LEU A 236 17.19 0.42 4.07
CA LEU A 236 16.35 1.24 3.21
C LEU A 236 16.19 2.66 3.75
N CYS A 237 16.01 2.80 5.07
CA CYS A 237 15.98 4.13 5.66
C CYS A 237 17.27 4.88 5.40
N ASP A 238 18.42 4.22 5.53
CA ASP A 238 19.70 4.85 5.21
C ASP A 238 19.73 5.33 3.76
N VAL A 239 19.27 4.49 2.84
CA VAL A 239 19.21 4.89 1.43
C VAL A 239 18.34 6.13 1.26
N LEU A 240 17.14 6.11 1.86
CA LEU A 240 16.21 7.22 1.69
C LEU A 240 16.78 8.52 2.24
N GLN A 241 17.40 8.49 3.42
CA GLN A 241 18.01 9.71 3.97
C GLN A 241 19.12 10.23 3.06
N ALA A 242 19.95 9.33 2.53
CA ALA A 242 21.05 9.77 1.68
C ALA A 242 20.51 10.33 0.36
N TYR A 243 19.52 9.66 -0.21
CA TYR A 243 18.93 10.13 -1.47
C TYR A 243 18.37 11.54 -1.30
N ILE A 244 17.58 11.74 -0.25
CA ILE A 244 16.98 13.05 -0.03
C ILE A 244 18.05 14.12 0.12
N ARG A 245 19.07 13.83 0.92
CA ARG A 245 20.14 14.81 1.17
C ARG A 245 20.90 15.16 -0.10
N ILE A 246 21.15 14.18 -0.96
CA ILE A 246 22.00 14.38 -2.12
C ILE A 246 21.20 14.81 -3.35
N GLN A 247 20.01 14.24 -3.54
CA GLN A 247 19.25 14.37 -4.78
C GLN A 247 17.99 15.22 -4.67
N HIS A 248 17.52 15.54 -3.47
CA HIS A 248 16.26 16.28 -3.36
C HIS A 248 16.56 17.69 -2.86
N PRO A 249 16.54 18.69 -3.71
CA PRO A 249 16.89 20.05 -3.26
C PRO A 249 15.83 20.58 -2.31
N GLY A 250 16.31 21.25 -1.26
CA GLY A 250 15.41 21.76 -0.22
C GLY A 250 14.59 20.70 0.49
N GLY A 251 15.17 19.53 0.72
CA GLY A 251 14.42 18.46 1.35
C GLY A 251 14.88 18.21 2.77
N ARG A 252 15.40 19.26 3.42
CA ARG A 252 15.98 19.10 4.75
C ARG A 252 14.97 18.59 5.77
N LEU A 253 13.68 18.90 5.59
CA LEU A 253 12.63 18.41 6.47
C LEU A 253 11.88 17.22 5.88
N LEU A 254 12.30 16.70 4.73
CA LEU A 254 11.49 15.74 4.00
C LEU A 254 11.50 14.37 4.67
N TYR A 255 12.68 13.88 5.04
CA TYR A 255 12.75 12.56 5.65
C TYR A 255 11.86 12.47 6.89
N ALA A 256 11.86 13.52 7.71
CA ALA A 256 11.02 13.54 8.90
C ALA A 256 9.53 13.53 8.53
N LYS A 257 9.14 14.31 7.54
CA LYS A 257 7.75 14.31 7.11
C LYS A 257 7.35 12.94 6.59
N MET A 258 8.28 12.23 5.94
CA MET A 258 7.94 10.92 5.40
C MET A 258 7.77 9.90 6.52
N ILE A 259 8.60 10.00 7.56
CA ILE A 259 8.45 9.06 8.68
C ILE A 259 7.16 9.33 9.44
N GLN A 260 6.74 10.58 9.50
CA GLN A 260 5.43 10.90 10.08
C GLN A 260 4.31 10.24 9.29
N LYS A 261 4.42 10.21 7.96
CA LYS A 261 3.39 9.55 7.14
C LYS A 261 3.28 8.08 7.49
N LEU A 262 4.40 7.42 7.80
CA LEU A 262 4.34 6.04 8.25
C LEU A 262 3.55 5.90 9.55
N ALA A 263 3.67 6.87 10.45
CA ALA A 263 2.86 6.88 11.66
C ALA A 263 1.39 7.07 11.34
N ASP A 264 1.07 8.04 10.46
CA ASP A 264 -0.31 8.24 10.03
C ASP A 264 -0.91 6.96 9.48
N LEU A 265 -0.12 6.18 8.76
CA LEU A 265 -0.63 4.96 8.16
C LEU A 265 -1.01 3.92 9.21
N ARG A 266 -0.29 3.85 10.34
CA ARG A 266 -0.71 2.96 11.41
C ARG A 266 -2.12 3.28 11.87
N SER A 267 -2.42 4.57 11.96
CA SER A 267 -3.73 5.02 12.41
C SER A 267 -4.80 4.74 11.36
N LEU A 268 -4.48 4.98 10.07
CA LEU A 268 -5.42 4.63 9.01
C LEU A 268 -5.65 3.13 8.95
N ASN A 269 -4.58 2.35 9.21
CA ASN A 269 -4.69 0.91 9.24
C ASN A 269 -5.73 0.46 10.28
N GLU A 270 -5.62 1.01 11.50
CA GLU A 270 -6.51 0.62 12.59
C GLU A 270 -7.96 0.96 12.28
N GLU A 271 -8.21 2.15 11.76
CA GLU A 271 -9.57 2.54 11.41
C GLU A 271 -10.12 1.67 10.30
N HIS A 272 -9.32 1.43 9.25
CA HIS A 272 -9.80 0.53 8.19
C HIS A 272 -10.09 -0.87 8.73
N SER A 273 -9.24 -1.37 9.63
CA SER A 273 -9.46 -2.70 10.19
C SER A 273 -10.74 -2.77 11.00
N LYS A 274 -11.00 -1.74 11.80
CA LYS A 274 -12.28 -1.61 12.49
C LYS A 274 -13.44 -1.76 11.53
N GLN A 275 -13.44 -0.95 10.47
CA GLN A 275 -14.59 -0.91 9.57
C GLN A 275 -14.66 -2.15 8.69
N TYR A 276 -13.50 -2.72 8.35
CA TYR A 276 -13.49 -3.97 7.60
C TYR A 276 -14.07 -5.10 8.44
N ARG A 277 -13.73 -5.14 9.73
CA ARG A 277 -14.29 -6.15 10.62
C ARG A 277 -15.81 -6.11 10.58
N SER A 278 -16.39 -4.91 10.63
CA SER A 278 -17.85 -4.80 10.57
C SER A 278 -18.40 -5.38 9.28
N LEU A 279 -17.76 -5.09 8.15
CA LEU A 279 -18.18 -5.68 6.87
C LEU A 279 -18.07 -7.18 6.90
N SER A 280 -16.93 -7.70 7.34
CA SER A 280 -16.65 -9.12 7.25
C SER A 280 -17.50 -9.93 8.21
N PHE A 281 -18.14 -9.28 9.19
CA PHE A 281 -19.06 -9.96 10.08
C PHE A 281 -20.49 -10.01 9.55
N GLN A 282 -20.80 -9.33 8.44
CA GLN A 282 -22.14 -9.42 7.87
C GLN A 282 -22.07 -10.25 6.58
N PRO A 283 -22.55 -11.47 6.57
CA PRO A 283 -22.32 -12.33 5.39
C PRO A 283 -22.85 -11.75 4.09
N GLU A 284 -23.94 -10.96 4.11
CA GLU A 284 -24.42 -10.37 2.87
C GLU A 284 -23.43 -9.38 2.27
N HIS A 285 -22.52 -8.82 3.07
CA HIS A 285 -21.44 -8.00 2.57
C HIS A 285 -20.17 -8.81 2.32
N SER A 286 -19.80 -9.68 3.27
CA SER A 286 -18.56 -10.43 3.10
C SER A 286 -18.62 -11.35 1.88
N MET A 287 -19.82 -11.83 1.52
CA MET A 287 -19.93 -12.64 0.31
C MET A 287 -19.58 -11.86 -0.95
N GLN A 288 -19.55 -10.54 -0.90
CA GLN A 288 -19.14 -9.71 -2.04
C GLN A 288 -17.63 -9.52 -2.13
N LEU A 289 -16.88 -9.92 -1.12
CA LEU A 289 -15.44 -9.78 -1.12
C LEU A 289 -14.80 -10.86 -2.00
N THR A 290 -13.48 -10.78 -2.19
CA THR A 290 -12.81 -11.85 -2.91
C THR A 290 -12.14 -12.80 -1.93
N PRO A 291 -11.84 -14.03 -2.35
CA PRO A 291 -11.05 -14.92 -1.49
C PRO A 291 -9.73 -14.30 -1.06
N LEU A 292 -9.02 -13.63 -1.96
CA LEU A 292 -7.74 -13.03 -1.56
C LEU A 292 -7.92 -11.91 -0.52
N VAL A 293 -8.95 -11.07 -0.69
CA VAL A 293 -9.20 -10.05 0.33
C VAL A 293 -9.55 -10.70 1.67
N LEU A 294 -10.42 -11.72 1.65
CA LEU A 294 -10.78 -12.44 2.87
C LEU A 294 -9.53 -12.99 3.57
N GLU A 295 -8.59 -13.51 2.79
CA GLU A 295 -7.41 -14.14 3.37
C GLU A 295 -6.45 -13.10 3.95
N VAL A 296 -6.17 -12.05 3.17
CA VAL A 296 -5.13 -11.10 3.56
C VAL A 296 -5.63 -10.17 4.66
N PHE A 297 -6.87 -9.71 4.58
CA PHE A 297 -7.43 -8.84 5.61
C PHE A 297 -8.10 -9.62 6.74
N GLY A 298 -8.12 -10.95 6.67
CA GLY A 298 -8.69 -11.77 7.72
C GLY A 298 -7.78 -11.90 8.93
N SER A 299 -8.29 -12.62 9.94
CA SER A 299 -7.67 -12.62 11.25
C SER A 299 -6.93 -13.92 11.57
N GLU A 300 -6.86 -14.88 10.64
CA GLU A 300 -6.17 -16.13 10.91
C GLU A 300 -4.65 -15.91 11.01
N VAL A 301 -3.99 -16.80 11.74
CA VAL A 301 -2.57 -16.67 12.07
C VAL A 301 -1.73 -17.77 11.42
N LYS B 1 -3.78 -22.74 6.34
CA LYS B 1 -4.40 -21.49 5.93
C LYS B 1 -3.49 -20.74 4.97
N HIS B 2 -3.92 -19.54 4.57
CA HIS B 2 -3.17 -18.67 3.67
C HIS B 2 -2.78 -19.38 2.38
N LYS B 3 -3.73 -20.15 1.87
CA LYS B 3 -3.50 -20.94 0.66
C LYS B 3 -3.14 -20.04 -0.52
N ILE B 4 -3.85 -18.93 -0.69
CA ILE B 4 -3.63 -18.09 -1.87
C ILE B 4 -2.33 -17.31 -1.71
N LEU B 5 -2.04 -16.84 -0.49
CA LEU B 5 -0.81 -16.10 -0.22
C LEU B 5 0.41 -16.94 -0.53
N HIS B 6 0.44 -18.18 -0.04
CA HIS B 6 1.55 -19.09 -0.30
C HIS B 6 1.76 -19.27 -1.80
N ARG B 7 0.68 -19.49 -2.54
CA ARG B 7 0.77 -19.67 -3.98
C ARG B 7 1.34 -18.42 -4.65
N LEU B 8 0.82 -17.24 -4.28
CA LEU B 8 1.31 -15.99 -4.87
C LEU B 8 2.75 -15.70 -4.49
N LEU B 9 3.17 -16.10 -3.30
CA LEU B 9 4.55 -15.91 -2.90
C LEU B 9 5.49 -16.92 -3.55
N GLN B 10 4.96 -17.76 -4.43
CA GLN B 10 5.69 -18.76 -5.21
C GLN B 10 6.34 -19.78 -4.29
#